data_4EVR
#
_entry.id   4EVR
#
_cell.length_a   42.306
_cell.length_b   57.778
_cell.length_c   133.889
_cell.angle_alpha   90.00
_cell.angle_beta   90.00
_cell.angle_gamma   90.00
#
_symmetry.space_group_name_H-M   'P 21 21 21'
#
loop_
_entity.id
_entity.type
_entity.pdbx_description
1 polymer 'Putative ABC transporter subunit, substrate-binding component'
2 non-polymer 'BENZOIC ACID'
3 water water
#
_entity_poly.entity_id   1
_entity_poly.type   'polypeptide(L)'
_entity_poly.pdbx_seq_one_letter_code
;SNAGPFIRPSYAQAGALKVGLLLPYSGTYAPLGEAITRGLELYVQSQGGKLGGRSISFVKVDDESAPPKATELTTKLIQS
EKADVLIGTVHSGVA(MSE)A(MSE)VKIAREDGIPTIVPNAGADIITRA(MSE)CAPNVFRTSFANGQIGRATGDA
(MSE)IKAGLKKAVTVTWKYAAGEE(MSE)VSGFKKSFTAGKGEVVKDITIAFPDVEFQSALAEIASLKPDCVYAFFSGG
GALKFIKDYAAANLGIPLWGPGFLTDGVEAAAGPAGDGIKTVLHYVSDLDNAENQAFVKSFEAAYKIPPDVFAVQGWDAG
QLLDAGVKAVGGDVAKRKELNAA(MSE)AAASFASPRGPFKLSAAHNPVQNFYLRELKGGKSVNLGLAAPAVADEAIGCK
LS
;
_entity_poly.pdbx_strand_id   A
#
loop_
_chem_comp.id
_chem_comp.type
_chem_comp.name
_chem_comp.formula
BEZ non-polymer 'BENZOIC ACID' 'C7 H6 O2'
#
# COMPACT_ATOMS: atom_id res chain seq x y z
N GLY A 15 -16.15 -24.00 -14.79
CA GLY A 15 -15.37 -22.94 -15.40
C GLY A 15 -14.35 -22.28 -14.48
N ALA A 16 -13.51 -21.39 -15.03
CA ALA A 16 -12.55 -20.70 -14.21
C ALA A 16 -13.25 -19.63 -13.40
N LEU A 17 -12.67 -19.33 -12.26
CA LEU A 17 -13.06 -18.22 -11.43
C LEU A 17 -12.40 -16.99 -12.03
N LYS A 18 -13.21 -15.96 -12.38
CA LYS A 18 -12.74 -14.76 -13.04
C LYS A 18 -12.42 -13.74 -11.97
N VAL A 19 -11.14 -13.36 -11.86
CA VAL A 19 -10.68 -12.38 -10.89
C VAL A 19 -10.37 -11.11 -11.64
N GLY A 20 -11.15 -10.09 -11.40
CA GLY A 20 -11.02 -8.83 -12.10
C GLY A 20 -9.93 -8.05 -11.41
N LEU A 21 -8.88 -7.62 -12.15
CA LEU A 21 -7.77 -6.88 -11.54
C LEU A 21 -7.78 -5.47 -12.05
N LEU A 22 -8.16 -4.49 -11.23
CA LEU A 22 -8.13 -3.07 -11.60
C LEU A 22 -6.89 -2.46 -11.01
N LEU A 23 -5.84 -2.21 -11.84
CA LEU A 23 -4.58 -1.73 -11.36
C LEU A 23 -3.96 -0.80 -12.37
N PRO A 24 -3.02 -0.01 -11.91
CA PRO A 24 -2.33 0.87 -12.83
C PRO A 24 -1.25 0.10 -13.59
N TYR A 25 -1.40 -0.05 -14.91
CA TYR A 25 -0.36 -0.70 -15.74
C TYR A 25 0.38 0.36 -16.59
N SER A 26 0.08 1.62 -16.35
CA SER A 26 0.76 2.74 -17.05
C SER A 26 0.85 3.91 -16.08
N GLY A 27 1.61 4.94 -16.42
CA GLY A 27 1.71 6.08 -15.53
C GLY A 27 2.71 5.83 -14.43
N THR A 28 2.80 6.79 -13.52
CA THR A 28 3.81 6.76 -12.46
C THR A 28 3.65 5.54 -11.49
N TYR A 29 2.42 4.98 -11.31
CA TYR A 29 2.24 3.83 -10.45
C TYR A 29 2.28 2.49 -11.17
N ALA A 30 2.66 2.45 -12.46
CA ALA A 30 2.79 1.22 -13.21
C ALA A 30 3.67 0.23 -12.49
N PRO A 31 4.82 0.59 -11.87
CA PRO A 31 5.62 -0.45 -11.16
C PRO A 31 4.90 -1.06 -9.94
N LEU A 32 3.96 -0.33 -9.33
CA LEU A 32 3.18 -0.81 -8.20
C LEU A 32 2.18 -1.83 -8.71
N GLY A 33 1.48 -1.53 -9.81
CA GLY A 33 0.54 -2.50 -10.38
C GLY A 33 1.25 -3.74 -10.84
N GLU A 34 2.47 -3.60 -11.39
CA GLU A 34 3.26 -4.76 -11.82
C GLU A 34 3.59 -5.62 -10.62
N ALA A 35 4.07 -4.98 -9.50
CA ALA A 35 4.47 -5.73 -8.31
C ALA A 35 3.30 -6.49 -7.67
N ILE A 36 2.14 -5.87 -7.59
CA ILE A 36 0.96 -6.48 -7.02
C ILE A 36 0.56 -7.68 -7.88
N THR A 37 0.51 -7.46 -9.21
CA THR A 37 0.14 -8.50 -10.14
C THR A 37 1.13 -9.67 -9.98
N ARG A 38 2.40 -9.40 -9.91
CA ARG A 38 3.44 -10.46 -9.75
C ARG A 38 3.21 -11.26 -8.48
N GLY A 39 2.87 -10.57 -7.38
CA GLY A 39 2.61 -11.22 -6.08
C GLY A 39 1.44 -12.17 -6.19
N LEU A 40 0.33 -11.68 -6.80
CA LEU A 40 -0.83 -12.55 -7.01
C LEU A 40 -0.58 -13.73 -7.87
N GLU A 41 0.01 -13.50 -9.05
CA GLU A 41 0.27 -14.61 -9.98
C GLU A 41 1.23 -15.59 -9.41
N LEU A 42 2.22 -15.13 -8.66
CA LEU A 42 3.16 -16.06 -8.06
C LEU A 42 2.47 -16.93 -7.04
N TYR A 43 1.56 -16.36 -6.25
CA TYR A 43 0.79 -17.12 -5.25
C TYR A 43 -0.10 -18.19 -5.95
N VAL A 44 -0.80 -17.79 -7.02
CA VAL A 44 -1.66 -18.71 -7.78
C VAL A 44 -0.80 -19.85 -8.32
N GLN A 45 0.38 -19.53 -8.84
CA GLN A 45 1.32 -20.58 -9.29
C GLN A 45 1.79 -21.50 -8.16
N SER A 46 2.07 -20.94 -6.95
CA SER A 46 2.50 -21.75 -5.81
C SER A 46 1.41 -22.75 -5.42
N GLN A 47 0.14 -22.45 -5.73
CA GLN A 47 -1.03 -23.37 -5.47
C GLN A 47 -1.44 -24.22 -6.71
N GLY A 48 -0.54 -24.37 -7.69
CA GLY A 48 -0.78 -25.17 -8.88
C GLY A 48 -1.80 -24.64 -9.87
N GLY A 49 -2.04 -23.35 -9.80
CA GLY A 49 -2.98 -22.63 -10.65
C GLY A 49 -4.40 -22.61 -10.13
N LYS A 50 -4.64 -23.12 -8.91
CA LYS A 50 -5.98 -23.18 -8.33
C LYS A 50 -6.08 -22.67 -6.87
N LEU A 51 -7.18 -21.96 -6.56
CA LEU A 51 -7.51 -21.51 -5.20
C LEU A 51 -8.81 -22.22 -4.79
N GLY A 52 -8.78 -22.96 -3.70
CA GLY A 52 -9.92 -23.75 -3.23
C GLY A 52 -10.58 -24.57 -4.31
N GLY A 53 -9.75 -25.29 -5.08
CA GLY A 53 -10.23 -26.17 -6.14
C GLY A 53 -10.70 -25.52 -7.42
N ARG A 54 -10.53 -24.18 -7.58
CA ARG A 54 -10.97 -23.46 -8.77
C ARG A 54 -9.81 -22.98 -9.57
N SER A 55 -9.84 -23.19 -10.91
CA SER A 55 -8.80 -22.61 -11.79
C SER A 55 -9.03 -21.07 -11.89
N ILE A 56 -7.97 -20.31 -11.89
CA ILE A 56 -8.07 -18.85 -11.88
C ILE A 56 -7.82 -18.24 -13.25
N SER A 57 -8.65 -17.25 -13.59
CA SER A 57 -8.46 -16.45 -14.79
C SER A 57 -8.43 -14.97 -14.38
N PHE A 58 -7.31 -14.27 -14.58
CA PHE A 58 -7.23 -12.85 -14.24
C PHE A 58 -7.69 -12.02 -15.43
N VAL A 59 -8.63 -11.09 -15.19
CA VAL A 59 -9.08 -10.14 -16.19
C VAL A 59 -8.47 -8.80 -15.78
N LYS A 60 -7.43 -8.34 -16.49
CA LYS A 60 -6.63 -7.16 -16.13
C LYS A 60 -7.11 -5.92 -16.84
N VAL A 61 -7.36 -4.85 -16.10
CA VAL A 61 -7.84 -3.57 -16.63
C VAL A 61 -6.92 -2.49 -16.10
N ASP A 62 -6.37 -1.68 -17.00
CA ASP A 62 -5.49 -0.55 -16.57
C ASP A 62 -6.39 0.64 -16.11
N ASP A 63 -6.30 1.01 -14.86
CA ASP A 63 -7.04 2.16 -14.37
C ASP A 63 -6.31 3.47 -14.65
N GLU A 64 -5.04 3.42 -15.06
CA GLU A 64 -4.24 4.61 -15.37
C GLU A 64 -4.19 5.59 -14.20
N SER A 65 -4.45 5.13 -12.93
CA SER A 65 -4.54 6.06 -11.77
C SER A 65 -5.35 7.27 -12.11
N ALA A 66 -6.47 7.07 -12.81
CA ALA A 66 -7.31 8.17 -13.33
C ALA A 66 -8.72 8.10 -12.71
N PRO A 67 -8.97 8.83 -11.61
CA PRO A 67 -10.31 8.83 -11.00
C PRO A 67 -11.50 9.07 -11.97
N PRO A 68 -11.39 9.91 -13.02
CA PRO A 68 -12.56 10.12 -13.93
C PRO A 68 -13.01 8.87 -14.69
N LYS A 69 -12.12 7.86 -14.83
CA LYS A 69 -12.45 6.61 -15.54
C LYS A 69 -12.87 5.46 -14.61
N ALA A 70 -12.81 5.65 -13.30
CA ALA A 70 -12.92 4.58 -12.32
C ALA A 70 -14.31 3.97 -12.24
N THR A 71 -15.35 4.78 -12.25
CA THR A 71 -16.72 4.27 -12.23
C THR A 71 -16.94 3.43 -13.47
N GLU A 72 -16.60 3.96 -14.64
CA GLU A 72 -16.84 3.21 -15.88
C GLU A 72 -16.07 1.88 -15.90
N LEU A 73 -14.77 1.87 -15.58
CA LEU A 73 -13.96 0.67 -15.67
C LEU A 73 -14.38 -0.43 -14.63
N THR A 74 -14.81 -0.01 -13.43
CA THR A 74 -15.31 -0.93 -12.39
C THR A 74 -16.61 -1.58 -12.85
N THR A 75 -17.55 -0.75 -13.29
CA THR A 75 -18.81 -1.25 -13.79
C THR A 75 -18.62 -2.29 -14.90
N LYS A 76 -17.70 -2.04 -15.84
CA LYS A 76 -17.38 -2.95 -16.96
C LYS A 76 -16.87 -4.27 -16.44
N LEU A 77 -15.95 -4.22 -15.45
CA LEU A 77 -15.37 -5.42 -14.87
C LEU A 77 -16.41 -6.29 -14.20
N ILE A 78 -17.34 -5.67 -13.46
CA ILE A 78 -18.40 -6.37 -12.74
C ILE A 78 -19.52 -6.82 -13.72
N GLN A 79 -19.95 -5.94 -14.63
CA GLN A 79 -21.08 -6.22 -15.52
C GLN A 79 -20.72 -6.89 -16.84
N SER A 80 -19.90 -6.26 -17.66
CA SER A 80 -19.54 -6.78 -18.97
C SER A 80 -18.62 -8.01 -18.87
N GLU A 81 -17.55 -7.95 -18.03
CA GLU A 81 -16.64 -9.10 -17.93
C GLU A 81 -17.12 -10.17 -16.91
N LYS A 82 -18.13 -9.85 -16.08
CA LYS A 82 -18.74 -10.78 -15.13
C LYS A 82 -17.72 -11.29 -14.12
N ALA A 83 -16.89 -10.41 -13.59
CA ALA A 83 -15.89 -10.83 -12.60
C ALA A 83 -16.56 -11.54 -11.42
N ASP A 84 -15.96 -12.60 -10.94
CA ASP A 84 -16.44 -13.31 -9.76
C ASP A 84 -15.89 -12.61 -8.49
N VAL A 85 -14.69 -12.02 -8.59
CA VAL A 85 -14.00 -11.31 -7.52
C VAL A 85 -13.40 -10.09 -8.09
N LEU A 86 -13.30 -9.02 -7.30
CA LEU A 86 -12.63 -7.78 -7.73
C LEU A 86 -11.38 -7.53 -6.86
N ILE A 87 -10.22 -7.28 -7.48
CA ILE A 87 -9.05 -6.91 -6.73
C ILE A 87 -8.54 -5.62 -7.28
N GLY A 88 -8.50 -4.60 -6.45
CA GLY A 88 -7.88 -3.30 -6.80
C GLY A 88 -8.07 -2.24 -5.73
N THR A 89 -7.40 -1.09 -5.77
CA THR A 89 -6.38 -0.70 -6.73
C THR A 89 -5.28 0.02 -5.95
N VAL A 90 -4.41 0.67 -6.64
CA VAL A 90 -3.28 1.40 -6.03
C VAL A 90 -3.65 2.82 -5.58
N HIS A 91 -4.26 3.65 -6.45
CA HIS A 91 -4.52 5.06 -6.20
C HIS A 91 -5.81 5.21 -5.37
N SER A 92 -5.68 5.86 -4.22
CA SER A 92 -6.83 6.03 -3.29
C SER A 92 -8.05 6.71 -3.89
N GLY A 93 -7.89 7.62 -4.85
CA GLY A 93 -9.07 8.27 -5.45
C GLY A 93 -9.80 7.30 -6.35
N VAL A 94 -9.05 6.54 -7.14
CA VAL A 94 -9.64 5.53 -7.97
C VAL A 94 -10.35 4.49 -7.06
N ALA A 95 -9.65 4.04 -5.98
CA ALA A 95 -10.16 3.00 -5.10
C ALA A 95 -11.43 3.41 -4.41
N MSE A 96 -11.52 4.65 -4.01
CA MSE A 96 -12.75 5.14 -3.38
C MSE A 96 -13.95 5.03 -4.30
O MSE A 96 -15.05 4.62 -3.86
CB MSE A 96 -12.62 6.59 -2.94
CG MSE A 96 -11.83 6.72 -1.63
SE MSE A 96 -11.27 8.58 -1.11
CE MSE A 96 -12.62 9.42 -1.87
N ALA A 97 -13.77 5.39 -5.59
CA ALA A 97 -14.87 5.29 -6.56
C ALA A 97 -15.21 3.82 -6.84
N MSE A 98 -14.20 2.95 -6.89
CA MSE A 98 -14.38 1.54 -7.13
C MSE A 98 -15.16 0.90 -5.98
O MSE A 98 -16.09 0.13 -6.21
CB MSE A 98 -13.01 0.88 -7.33
CG MSE A 98 -13.07 -0.63 -7.65
SE MSE A 98 -11.39 -1.58 -7.16
CE MSE A 98 -11.89 -1.89 -5.41
N VAL A 99 -14.70 1.16 -4.76
CA VAL A 99 -15.32 0.63 -3.55
C VAL A 99 -16.78 1.09 -3.46
N LYS A 100 -17.11 2.32 -3.87
CA LYS A 100 -18.51 2.76 -3.86
C LYS A 100 -19.38 1.82 -4.72
N ILE A 101 -18.93 1.48 -5.92
CA ILE A 101 -19.68 0.58 -6.82
C ILE A 101 -19.66 -0.87 -6.27
N ALA A 102 -18.53 -1.34 -5.75
CA ALA A 102 -18.43 -2.70 -5.20
C ALA A 102 -19.31 -2.92 -3.96
N ARG A 103 -19.33 -1.95 -3.04
CA ARG A 103 -20.20 -1.97 -1.83
C ARG A 103 -21.70 -2.22 -2.12
N GLU A 104 -22.17 -1.53 -3.14
CA GLU A 104 -23.56 -1.59 -3.57
C GLU A 104 -23.85 -2.85 -4.37
N ASP A 105 -22.86 -3.40 -5.10
CA ASP A 105 -23.02 -4.62 -5.85
C ASP A 105 -23.02 -5.84 -4.96
N GLY A 106 -22.07 -5.90 -4.02
CA GLY A 106 -21.90 -7.05 -3.14
C GLY A 106 -20.76 -7.97 -3.54
N ILE A 107 -20.11 -7.73 -4.67
CA ILE A 107 -19.05 -8.61 -5.16
C ILE A 107 -17.89 -8.67 -4.15
N PRO A 108 -17.35 -9.87 -3.82
CA PRO A 108 -16.15 -9.93 -2.94
C PRO A 108 -15.06 -9.04 -3.49
N THR A 109 -14.57 -8.11 -2.67
CA THR A 109 -13.60 -7.12 -3.13
C THR A 109 -12.39 -7.06 -2.20
N ILE A 110 -11.20 -7.15 -2.78
CA ILE A 110 -9.94 -7.02 -1.99
C ILE A 110 -9.13 -5.82 -2.49
N VAL A 111 -8.76 -4.90 -1.60
CA VAL A 111 -7.94 -3.73 -1.84
C VAL A 111 -6.50 -4.07 -1.52
N PRO A 112 -5.61 -4.18 -2.53
CA PRO A 112 -4.24 -4.67 -2.29
C PRO A 112 -3.20 -3.53 -2.13
N ASN A 113 -3.65 -2.24 -2.09
CA ASN A 113 -2.76 -1.15 -1.80
C ASN A 113 -3.46 0.06 -1.27
N ALA A 114 -4.33 0.65 -2.08
CA ALA A 114 -4.94 1.96 -1.76
C ALA A 114 -5.27 2.09 -0.29
N GLY A 115 -4.67 3.04 0.37
CA GLY A 115 -4.85 3.25 1.81
C GLY A 115 -5.94 4.21 2.21
N ALA A 116 -6.80 4.63 1.27
CA ALA A 116 -7.88 5.58 1.58
C ALA A 116 -8.53 5.23 2.94
N ASP A 117 -8.51 6.15 3.89
CA ASP A 117 -9.04 5.89 5.24
C ASP A 117 -10.51 5.42 5.26
N ILE A 118 -11.33 6.00 4.40
CA ILE A 118 -12.77 5.73 4.36
C ILE A 118 -13.08 4.27 4.08
N ILE A 119 -12.21 3.58 3.31
CA ILE A 119 -12.43 2.18 2.88
C ILE A 119 -12.62 1.27 4.09
N THR A 120 -11.93 1.51 5.22
CA THR A 120 -12.16 0.67 6.42
C THR A 120 -12.68 1.52 7.55
N ARG A 121 -13.43 2.58 7.23
CA ARG A 121 -14.05 3.41 8.25
C ARG A 121 -15.46 3.64 7.84
N ALA A 122 -15.85 4.85 7.45
CA ALA A 122 -17.25 5.17 7.13
C ALA A 122 -17.80 4.36 5.94
N MSE A 123 -16.99 4.00 4.98
CA MSE A 123 -17.37 3.18 3.83
C MSE A 123 -17.12 1.70 4.14
O MSE A 123 -17.24 0.91 3.21
CB MSE A 123 -16.58 3.54 2.54
CG MSE A 123 -17.37 4.14 1.39
SE MSE A 123 -16.19 4.18 -0.24
CE MSE A 123 -16.29 6.03 -0.50
N CYS A 124 -16.80 1.25 5.41
CA CYS A 124 -16.55 -0.19 5.64
C CYS A 124 -17.76 -1.03 5.18
N ALA A 125 -17.51 -2.21 4.62
CA ALA A 125 -18.57 -3.06 4.08
C ALA A 125 -18.29 -4.51 4.34
N PRO A 126 -19.34 -5.36 4.45
CA PRO A 126 -19.14 -6.81 4.63
C PRO A 126 -18.29 -7.53 3.56
N ASN A 127 -18.33 -7.03 2.29
CA ASN A 127 -17.64 -7.63 1.12
C ASN A 127 -16.35 -6.93 0.76
N VAL A 128 -15.84 -5.96 1.58
CA VAL A 128 -14.65 -5.17 1.20
C VAL A 128 -13.55 -5.39 2.25
N PHE A 129 -12.43 -5.89 1.77
CA PHE A 129 -11.28 -6.22 2.58
C PHE A 129 -10.04 -5.52 2.10
N ARG A 130 -9.09 -5.24 3.00
CA ARG A 130 -7.84 -4.61 2.60
C ARG A 130 -6.65 -5.45 3.11
N THR A 131 -5.62 -5.71 2.26
CA THR A 131 -4.45 -6.42 2.71
C THR A 131 -3.22 -5.50 2.84
N SER A 132 -3.42 -4.18 2.76
CA SER A 132 -2.34 -3.22 2.77
C SER A 132 -2.25 -2.49 4.11
N PHE A 133 -2.90 -1.36 4.25
CA PHE A 133 -2.76 -0.46 5.39
C PHE A 133 -3.78 0.66 5.23
N ALA A 134 -3.91 1.54 6.24
CA ALA A 134 -4.72 2.75 6.16
C ALA A 134 -3.78 3.96 6.18
N ASN A 135 -4.01 4.95 5.32
CA ASN A 135 -3.16 6.15 5.16
C ASN A 135 -2.88 6.86 6.46
N GLY A 136 -3.94 7.14 7.19
CA GLY A 136 -3.88 7.87 8.48
C GLY A 136 -3.01 7.16 9.50
N GLN A 137 -3.18 5.85 9.63
CA GLN A 137 -2.42 5.04 10.58
C GLN A 137 -0.93 5.02 10.29
N ILE A 138 -0.51 4.85 9.04
CA ILE A 138 0.91 4.85 8.76
C ILE A 138 1.52 6.23 8.90
N GLY A 139 0.77 7.27 8.56
CA GLY A 139 1.26 8.64 8.79
C GLY A 139 1.46 8.88 10.28
N ARG A 140 0.53 8.43 11.14
CA ARG A 140 0.72 8.59 12.59
C ARG A 140 1.98 7.84 13.10
N ALA A 141 2.21 6.61 12.62
CA ALA A 141 3.37 5.79 13.00
C ALA A 141 4.68 6.48 12.54
N THR A 142 4.68 7.08 11.36
CA THR A 142 5.91 7.79 10.93
C THR A 142 6.18 9.06 11.76
N GLY A 143 5.17 9.86 12.03
CA GLY A 143 5.29 11.03 12.89
C GLY A 143 5.81 10.67 14.25
N ASP A 144 5.26 9.58 14.86
CA ASP A 144 5.74 9.06 16.17
C ASP A 144 7.25 8.72 16.12
N ALA A 145 7.67 7.90 15.12
CA ALA A 145 9.08 7.59 14.96
C ALA A 145 9.98 8.87 14.82
N MSE A 146 9.50 9.92 14.12
CA MSE A 146 10.31 11.15 13.91
C MSE A 146 10.41 11.91 15.21
O MSE A 146 11.51 12.38 15.57
CB MSE A 146 9.73 12.00 12.77
CG MSE A 146 9.84 11.27 11.46
SE MSE A 146 8.79 11.99 10.04
CE MSE A 146 9.77 13.59 9.77
N ILE A 147 9.34 11.93 16.00
CA ILE A 147 9.44 12.56 17.35
C ILE A 147 10.41 11.77 18.23
N LYS A 148 10.35 10.43 18.21
CA LYS A 148 11.28 9.62 19.03
C LYS A 148 12.72 9.91 18.60
N ALA A 149 12.96 10.24 17.30
CA ALA A 149 14.30 10.54 16.76
C ALA A 149 14.80 11.98 17.10
N GLY A 150 14.00 12.76 17.84
CA GLY A 150 14.40 14.11 18.26
C GLY A 150 14.09 15.23 17.27
N LEU A 151 13.31 14.94 16.20
CA LEU A 151 12.99 15.96 15.21
C LEU A 151 11.84 16.87 15.71
N LYS A 152 11.92 18.16 15.41
CA LYS A 152 10.92 19.13 15.92
C LYS A 152 10.36 20.14 14.91
N LYS A 153 10.87 20.20 13.67
CA LYS A 153 10.47 21.23 12.72
C LYS A 153 10.42 20.69 11.29
N ALA A 154 9.23 20.32 10.82
CA ALA A 154 9.10 19.65 9.52
C ALA A 154 8.46 20.48 8.46
N VAL A 155 8.80 20.16 7.20
CA VAL A 155 8.12 20.57 5.99
C VAL A 155 7.59 19.29 5.39
N THR A 156 6.32 19.24 4.98
CA THR A 156 5.78 18.04 4.28
C THR A 156 5.73 18.32 2.77
N VAL A 157 5.91 17.28 1.97
CA VAL A 157 5.84 17.43 0.52
C VAL A 157 5.10 16.19 -0.03
N THR A 158 4.06 16.38 -0.83
CA THR A 158 3.35 15.23 -1.42
C THR A 158 2.51 15.69 -2.59
N TRP A 159 1.76 14.76 -3.17
CA TRP A 159 0.78 15.04 -4.23
C TRP A 159 -0.58 15.45 -3.64
N LYS A 160 -1.28 16.34 -4.38
CA LYS A 160 -2.61 16.87 -3.99
C LYS A 160 -3.73 15.88 -4.32
N TYR A 161 -3.80 14.80 -3.53
CA TYR A 161 -4.92 13.90 -3.65
C TYR A 161 -5.11 13.23 -2.30
N ALA A 162 -6.17 12.48 -2.13
CA ALA A 162 -6.54 11.84 -0.81
C ALA A 162 -5.41 11.12 -0.10
N ALA A 163 -4.57 10.33 -0.79
CA ALA A 163 -3.48 9.66 -0.09
C ALA A 163 -2.45 10.60 0.50
N GLY A 164 -2.00 11.62 -0.24
CA GLY A 164 -1.07 12.58 0.31
C GLY A 164 -1.68 13.30 1.49
N GLU A 165 -2.88 13.75 1.33
CA GLU A 165 -3.53 14.51 2.39
C GLU A 165 -3.70 13.67 3.66
N GLU A 166 -4.12 12.42 3.53
CA GLU A 166 -4.40 11.58 4.70
C GLU A 166 -3.10 11.13 5.36
N MSE A 167 -2.07 10.81 4.59
CA MSE A 167 -0.82 10.47 5.20
C MSE A 167 -0.18 11.71 5.86
O MSE A 167 0.44 11.55 6.91
CB MSE A 167 0.13 9.82 4.20
CG MSE A 167 -0.21 8.34 3.99
SE MSE A 167 1.02 7.39 2.96
CE MSE A 167 0.17 7.08 1.30
N VAL A 168 -0.31 12.92 5.24
CA VAL A 168 0.28 14.10 5.87
C VAL A 168 -0.57 14.44 7.09
N SER A 169 -1.88 14.29 7.02
CA SER A 169 -2.73 14.59 8.20
C SER A 169 -2.36 13.70 9.45
N GLY A 170 -2.18 12.41 9.23
CA GLY A 170 -1.82 11.45 10.29
C GLY A 170 -0.48 11.78 10.91
N PHE A 171 0.49 12.09 10.06
CA PHE A 171 1.80 12.51 10.47
C PHE A 171 1.71 13.76 11.34
N LYS A 172 0.98 14.80 10.92
CA LYS A 172 0.88 16.09 11.67
C LYS A 172 0.25 15.86 13.03
N LYS A 173 -0.65 14.88 13.13
CA LYS A 173 -1.34 14.57 14.38
C LYS A 173 -0.33 14.08 15.38
N SER A 174 0.48 13.09 15.02
CA SER A 174 1.48 12.60 15.95
C SER A 174 2.61 13.57 16.13
N PHE A 175 3.00 14.29 15.09
CA PHE A 175 4.18 15.15 15.22
C PHE A 175 3.89 16.35 16.12
N THR A 176 2.75 17.00 15.89
CA THR A 176 2.37 18.14 16.80
C THR A 176 2.04 17.61 18.25
N ALA A 177 1.39 16.45 18.39
CA ALA A 177 1.15 15.84 19.72
C ALA A 177 2.50 15.62 20.48
N GLY A 178 3.58 15.39 19.75
CA GLY A 178 4.91 15.29 20.31
C GLY A 178 5.66 16.60 20.47
N LYS A 179 4.97 17.76 20.39
CA LYS A 179 5.53 19.13 20.52
C LYS A 179 6.44 19.54 19.29
N GLY A 180 6.29 18.90 18.15
CA GLY A 180 7.03 19.33 16.95
C GLY A 180 6.17 20.33 16.20
N GLU A 181 6.73 21.11 15.26
CA GLU A 181 5.89 22.00 14.46
C GLU A 181 6.01 21.65 13.00
N VAL A 182 4.90 21.72 12.27
CA VAL A 182 4.90 21.54 10.82
C VAL A 182 4.85 22.97 10.28
N VAL A 183 5.94 23.41 9.66
CA VAL A 183 6.19 24.76 9.16
C VAL A 183 5.46 25.08 7.80
N LYS A 184 5.20 24.05 6.96
CA LYS A 184 4.54 24.19 5.67
C LYS A 184 4.21 22.83 5.14
N ASP A 185 3.10 22.73 4.39
CA ASP A 185 2.71 21.52 3.69
C ASP A 185 2.75 21.85 2.22
N ILE A 186 3.73 21.41 1.52
CA ILE A 186 3.87 21.65 0.06
C ILE A 186 3.10 20.58 -0.70
N THR A 187 2.28 20.99 -1.72
CA THR A 187 1.56 19.97 -2.51
C THR A 187 1.79 20.27 -3.97
N ILE A 188 1.85 19.23 -4.74
CA ILE A 188 2.05 19.25 -6.19
C ILE A 188 0.90 18.51 -6.79
N ALA A 189 0.39 18.95 -7.92
CA ALA A 189 -0.73 18.23 -8.51
C ALA A 189 -0.30 16.84 -8.94
N PHE A 190 -1.14 15.81 -8.69
CA PHE A 190 -0.81 14.47 -9.15
C PHE A 190 -0.93 14.33 -10.65
N PRO A 191 -0.03 13.63 -11.39
CA PRO A 191 1.20 12.94 -11.00
C PRO A 191 2.42 13.78 -11.37
N ASP A 192 2.39 15.11 -11.19
CA ASP A 192 3.53 15.94 -11.66
C ASP A 192 4.82 15.70 -10.86
N VAL A 193 5.99 15.86 -11.52
CA VAL A 193 7.24 15.55 -10.87
C VAL A 193 8.28 16.63 -11.15
N GLU A 194 7.83 17.90 -11.16
CA GLU A 194 8.70 19.06 -11.27
C GLU A 194 8.91 19.52 -9.83
N PHE A 195 10.10 19.24 -9.23
CA PHE A 195 10.30 19.48 -7.79
C PHE A 195 11.21 20.65 -7.46
N GLN A 196 11.84 21.29 -8.46
CA GLN A 196 12.83 22.34 -8.18
C GLN A 196 12.27 23.45 -7.32
N SER A 197 11.05 23.88 -7.58
CA SER A 197 10.39 24.90 -6.81
C SER A 197 10.17 24.44 -5.36
N ALA A 198 9.71 23.18 -5.11
CA ALA A 198 9.52 22.68 -3.73
C ALA A 198 10.86 22.60 -3.00
N LEU A 199 11.93 22.14 -3.68
CA LEU A 199 13.25 22.01 -3.05
C LEU A 199 13.86 23.40 -2.69
N ALA A 200 13.60 24.43 -3.51
CA ALA A 200 14.05 25.79 -3.18
C ALA A 200 13.31 26.31 -1.92
N GLU A 201 12.03 25.97 -1.80
CA GLU A 201 11.19 26.42 -0.67
C GLU A 201 11.63 25.71 0.58
N ILE A 202 11.87 24.38 0.51
CA ILE A 202 12.38 23.62 1.66
C ILE A 202 13.66 24.32 2.19
N ALA A 203 14.65 24.56 1.30
CA ALA A 203 15.93 25.20 1.62
C ALA A 203 15.76 26.51 2.30
N SER A 204 14.78 27.30 1.83
CA SER A 204 14.47 28.61 2.41
C SER A 204 13.83 28.50 3.78
N LEU A 205 13.05 27.44 4.05
CA LEU A 205 12.33 27.32 5.32
C LEU A 205 13.18 26.68 6.40
N LYS A 206 14.33 26.10 6.03
CA LYS A 206 15.29 25.49 6.96
C LYS A 206 14.64 24.55 8.00
N PRO A 207 13.85 23.54 7.62
CA PRO A 207 13.37 22.62 8.65
C PRO A 207 14.48 21.71 9.14
N ASP A 208 14.25 20.90 10.17
CA ASP A 208 15.25 19.90 10.58
C ASP A 208 14.93 18.54 9.91
N CYS A 209 13.80 18.44 9.19
CA CYS A 209 13.41 17.23 8.46
C CYS A 209 12.38 17.54 7.44
N VAL A 210 12.27 16.65 6.44
CA VAL A 210 11.27 16.64 5.40
C VAL A 210 10.54 15.28 5.45
N TYR A 211 9.22 15.32 5.43
CA TYR A 211 8.32 14.16 5.35
C TYR A 211 7.72 14.21 4.01
N ALA A 212 7.97 13.22 3.15
CA ALA A 212 7.48 13.19 1.82
C ALA A 212 6.70 11.92 1.56
N PHE A 213 5.56 12.04 0.91
CA PHE A 213 4.90 10.89 0.34
C PHE A 213 4.92 11.04 -1.18
N PHE A 214 5.63 10.11 -1.81
CA PHE A 214 5.60 9.87 -3.26
C PHE A 214 5.75 8.34 -3.38
N SER A 215 5.47 7.79 -4.55
CA SER A 215 5.68 6.38 -4.77
C SER A 215 5.91 6.18 -6.27
N GLY A 216 6.44 5.05 -6.64
CA GLY A 216 6.65 4.73 -8.06
C GLY A 216 7.61 5.67 -8.73
N GLY A 217 7.30 6.04 -9.96
CA GLY A 217 8.15 6.96 -10.70
C GLY A 217 8.42 8.26 -10.01
N GLY A 218 7.41 8.75 -9.32
CA GLY A 218 7.53 10.03 -8.62
C GLY A 218 8.51 10.00 -7.49
N ALA A 219 8.52 8.90 -6.76
CA ALA A 219 9.47 8.69 -5.66
C ALA A 219 10.87 8.57 -6.15
N LEU A 220 11.08 7.78 -7.17
CA LEU A 220 12.47 7.62 -7.67
C LEU A 220 13.05 8.98 -8.14
N LYS A 221 12.29 9.75 -8.88
CA LYS A 221 12.78 11.05 -9.36
C LYS A 221 12.92 12.02 -8.20
N PHE A 222 11.96 12.07 -7.26
CA PHE A 222 12.08 12.94 -6.06
C PHE A 222 13.39 12.60 -5.31
N ILE A 223 13.63 11.34 -5.02
CA ILE A 223 14.87 10.94 -4.32
C ILE A 223 16.13 11.54 -5.08
N LYS A 224 16.25 11.35 -6.39
CA LYS A 224 17.45 11.83 -7.12
C LYS A 224 17.49 13.32 -7.10
N ASP A 225 16.36 13.97 -7.30
CA ASP A 225 16.33 15.45 -7.30
C ASP A 225 16.65 16.03 -5.92
N TYR A 226 16.04 15.41 -4.89
CA TYR A 226 16.28 15.82 -3.47
C TYR A 226 17.78 15.67 -3.11
N ALA A 227 18.42 14.54 -3.44
CA ALA A 227 19.88 14.41 -3.25
C ALA A 227 20.67 15.40 -4.06
N ALA A 228 20.27 15.66 -5.31
CA ALA A 228 21.06 16.62 -6.14
C ALA A 228 21.03 18.07 -5.58
N ALA A 229 19.97 18.42 -4.82
CA ALA A 229 19.84 19.74 -4.19
C ALA A 229 20.83 19.98 -3.04
N ASN A 230 21.50 18.93 -2.49
CA ASN A 230 22.49 19.11 -1.41
C ASN A 230 21.89 19.97 -0.26
N LEU A 231 20.72 19.55 0.27
CA LEU A 231 20.00 20.33 1.28
C LEU A 231 20.60 20.23 2.70
N GLY A 232 21.27 19.12 3.02
CA GLY A 232 21.77 18.90 4.37
C GLY A 232 20.63 18.68 5.35
N ILE A 233 19.49 18.23 4.86
CA ILE A 233 18.27 18.05 5.67
C ILE A 233 17.88 16.60 5.54
N PRO A 234 17.62 15.85 6.64
CA PRO A 234 17.23 14.44 6.49
C PRO A 234 15.82 14.25 5.91
N LEU A 235 15.71 13.27 5.02
CA LEU A 235 14.47 12.92 4.35
C LEU A 235 13.86 11.70 5.01
N TRP A 236 12.57 11.81 5.33
CA TRP A 236 11.75 10.78 5.92
C TRP A 236 10.49 10.56 5.13
N GLY A 237 9.80 9.46 5.42
CA GLY A 237 8.48 9.27 4.85
C GLY A 237 7.90 7.91 5.15
N PRO A 238 6.65 7.67 4.79
CA PRO A 238 6.12 6.27 4.78
C PRO A 238 6.99 5.52 3.80
N GLY A 239 7.06 4.22 3.97
CA GLY A 239 7.92 3.38 3.17
C GLY A 239 7.74 3.29 1.71
N PHE A 240 6.56 3.69 1.28
CA PHE A 240 6.29 3.75 -0.16
C PHE A 240 7.26 4.68 -0.85
N LEU A 241 7.86 5.62 -0.10
CA LEU A 241 8.84 6.55 -0.72
C LEU A 241 10.08 5.81 -1.22
N THR A 242 10.43 4.65 -0.62
CA THR A 242 11.60 3.90 -1.06
C THR A 242 11.31 2.56 -1.59
N ASP A 243 10.13 1.88 -1.20
CA ASP A 243 10.00 0.51 -1.63
C ASP A 243 9.93 0.34 -3.13
N GLY A 244 10.73 -0.58 -3.66
CA GLY A 244 10.79 -0.89 -5.08
C GLY A 244 11.81 -0.06 -5.83
N VAL A 245 12.15 1.10 -5.35
CA VAL A 245 13.05 1.99 -6.10
C VAL A 245 14.46 2.03 -5.50
N GLU A 246 14.81 1.10 -4.58
CA GLU A 246 16.14 1.13 -3.92
C GLU A 246 17.34 0.95 -4.88
N ALA A 247 17.30 -0.06 -5.75
CA ALA A 247 18.40 -0.33 -6.65
C ALA A 247 18.57 0.80 -7.68
N ALA A 248 17.45 1.27 -8.26
CA ALA A 248 17.48 2.35 -9.21
C ALA A 248 17.91 3.68 -8.61
N ALA A 249 17.57 3.99 -7.35
CA ALA A 249 17.96 5.25 -6.72
C ALA A 249 19.45 5.31 -6.49
N GLY A 250 20.12 4.18 -6.32
CA GLY A 250 21.56 4.21 -6.10
C GLY A 250 21.98 5.02 -4.87
N PRO A 251 23.18 5.61 -4.84
CA PRO A 251 23.65 6.31 -3.63
C PRO A 251 22.77 7.46 -3.21
N ALA A 252 21.98 8.02 -4.11
CA ALA A 252 21.06 9.12 -3.77
C ALA A 252 20.05 8.70 -2.71
N GLY A 253 19.73 7.43 -2.66
CA GLY A 253 18.79 6.95 -1.65
C GLY A 253 19.40 6.80 -0.27
N ASP A 254 20.73 6.75 -0.17
CA ASP A 254 21.36 6.37 1.09
C ASP A 254 20.96 7.28 2.23
N GLY A 255 20.56 6.70 3.36
CA GLY A 255 20.25 7.48 4.55
C GLY A 255 18.80 7.80 4.74
N ILE A 256 17.93 7.55 3.72
CA ILE A 256 16.51 7.90 3.84
C ILE A 256 15.88 7.02 4.90
N LYS A 257 15.14 7.60 5.82
CA LYS A 257 14.51 6.86 6.92
C LYS A 257 13.00 6.73 6.65
N THR A 258 12.48 5.54 6.80
CA THR A 258 11.06 5.32 6.56
C THR A 258 10.43 4.38 7.57
N VAL A 259 9.10 4.43 7.62
CA VAL A 259 8.31 3.55 8.45
C VAL A 259 7.36 2.75 7.53
N LEU A 260 7.34 1.43 7.71
CA LEU A 260 6.52 0.57 6.88
C LEU A 260 6.20 -0.73 7.64
N HIS A 261 5.13 -1.36 7.20
CA HIS A 261 4.64 -2.64 7.74
C HIS A 261 5.34 -3.84 7.07
N TYR A 262 6.42 -3.61 6.34
CA TYR A 262 7.22 -4.68 5.71
C TYR A 262 8.65 -4.22 5.61
N VAL A 263 9.57 -5.17 5.80
CA VAL A 263 11.01 -4.98 5.61
C VAL A 263 11.48 -6.21 4.91
N SER A 264 12.31 -6.07 3.89
N SER A 264 12.31 -6.09 3.85
CA SER A 264 12.80 -7.18 3.08
CA SER A 264 12.76 -7.26 3.09
C SER A 264 13.52 -8.28 3.89
C SER A 264 13.52 -8.31 3.90
N ASP A 265 14.22 -7.88 4.94
CA ASP A 265 15.00 -8.78 5.81
C ASP A 265 14.20 -9.39 6.99
N LEU A 266 12.87 -9.26 7.04
CA LEU A 266 12.12 -9.97 8.10
C LEU A 266 12.42 -11.45 7.99
N ASP A 267 12.74 -12.08 9.08
CA ASP A 267 13.29 -13.46 9.01
C ASP A 267 12.26 -14.61 9.24
N ASN A 268 10.98 -14.29 9.30
CA ASN A 268 9.97 -15.35 9.44
C ASN A 268 10.05 -16.28 8.22
N ALA A 269 9.72 -17.54 8.40
CA ALA A 269 9.85 -18.54 7.36
C ALA A 269 9.05 -18.21 6.07
N GLU A 270 7.88 -17.62 6.22
CA GLU A 270 7.04 -17.23 5.07
C GLU A 270 7.72 -16.19 4.21
N ASN A 271 8.33 -15.19 4.79
CA ASN A 271 9.08 -14.21 3.98
C ASN A 271 10.28 -14.87 3.34
N GLN A 272 11.01 -15.72 4.06
CA GLN A 272 12.15 -16.28 3.38
C GLN A 272 11.76 -17.12 2.19
N ALA A 273 10.67 -17.89 2.29
CA ALA A 273 10.25 -18.69 1.13
C ALA A 273 9.68 -17.80 0.02
N PHE A 274 8.96 -16.76 0.38
CA PHE A 274 8.34 -15.85 -0.59
C PHE A 274 9.41 -15.08 -1.40
N VAL A 275 10.43 -14.56 -0.69
CA VAL A 275 11.54 -13.86 -1.34
C VAL A 275 12.23 -14.81 -2.32
N LYS A 276 12.39 -16.06 -1.90
CA LYS A 276 13.06 -17.03 -2.76
C LYS A 276 12.27 -17.26 -4.04
N SER A 277 10.97 -17.48 -3.92
CA SER A 277 10.08 -17.72 -5.09
C SER A 277 10.04 -16.52 -5.95
N PHE A 278 9.95 -15.36 -5.36
CA PHE A 278 9.84 -14.08 -6.12
C PHE A 278 11.12 -13.81 -6.88
N GLU A 279 12.30 -13.95 -6.23
CA GLU A 279 13.58 -13.74 -6.92
C GLU A 279 13.82 -14.78 -7.98
N ALA A 280 13.39 -16.02 -7.76
CA ALA A 280 13.55 -17.05 -8.79
C ALA A 280 12.68 -16.76 -10.05
N ALA A 281 11.51 -16.19 -9.84
CA ALA A 281 10.60 -15.88 -10.98
C ALA A 281 10.91 -14.58 -11.68
N TYR A 282 11.25 -13.53 -10.91
CA TYR A 282 11.36 -12.15 -11.42
C TYR A 282 12.70 -11.48 -11.28
N LYS A 283 13.69 -12.12 -10.64
CA LYS A 283 15.11 -11.73 -10.54
C LYS A 283 15.42 -10.42 -9.73
N ILE A 284 14.46 -9.95 -9.00
CA ILE A 284 14.52 -8.79 -8.14
C ILE A 284 13.79 -9.12 -6.87
N PRO A 285 14.18 -8.53 -5.76
CA PRO A 285 13.40 -8.77 -4.53
C PRO A 285 11.93 -8.30 -4.62
N PRO A 286 11.01 -8.89 -3.85
CA PRO A 286 9.69 -8.30 -3.74
C PRO A 286 9.72 -7.09 -2.88
N ASP A 287 8.78 -6.21 -3.10
CA ASP A 287 8.59 -5.04 -2.22
C ASP A 287 7.30 -5.15 -1.50
N VAL A 288 6.90 -4.10 -0.78
CA VAL A 288 5.66 -4.19 -0.02
C VAL A 288 4.43 -4.41 -0.88
N PHE A 289 4.46 -3.94 -2.09
CA PHE A 289 3.34 -4.03 -3.07
C PHE A 289 3.18 -5.48 -3.52
N ALA A 290 4.31 -6.16 -3.74
CA ALA A 290 4.29 -7.58 -4.06
C ALA A 290 3.74 -8.40 -2.92
N VAL A 291 4.10 -8.05 -1.70
CA VAL A 291 3.62 -8.72 -0.50
C VAL A 291 2.15 -8.56 -0.41
N GLN A 292 1.69 -7.30 -0.60
CA GLN A 292 0.22 -7.07 -0.49
C GLN A 292 -0.55 -7.85 -1.51
N GLY A 293 0.02 -8.02 -2.69
CA GLY A 293 -0.61 -8.81 -3.73
C GLY A 293 -0.63 -10.31 -3.40
N TRP A 294 0.52 -10.85 -2.90
CA TRP A 294 0.66 -12.24 -2.45
C TRP A 294 -0.42 -12.54 -1.37
N ASP A 295 -0.57 -11.63 -0.42
CA ASP A 295 -1.52 -11.77 0.67
C ASP A 295 -2.99 -11.59 0.26
N ALA A 296 -3.25 -10.84 -0.83
CA ALA A 296 -4.61 -10.80 -1.43
C ALA A 296 -4.93 -12.19 -2.00
N GLY A 297 -3.93 -12.84 -2.58
CA GLY A 297 -4.05 -14.21 -3.05
C GLY A 297 -4.34 -15.15 -1.90
N GLN A 298 -3.59 -15.04 -0.78
CA GLN A 298 -3.83 -15.89 0.39
C GLN A 298 -5.22 -15.69 0.95
N LEU A 299 -5.67 -14.42 1.00
CA LEU A 299 -6.98 -14.08 1.54
C LEU A 299 -8.13 -14.65 0.67
N LEU A 300 -8.00 -14.53 -0.65
CA LEU A 300 -8.99 -15.09 -1.56
C LEU A 300 -9.00 -16.60 -1.48
N ASP A 301 -7.82 -17.22 -1.32
CA ASP A 301 -7.74 -18.69 -1.11
C ASP A 301 -8.50 -19.12 0.11
N ALA A 302 -8.33 -18.40 1.21
CA ALA A 302 -9.03 -18.74 2.47
C ALA A 302 -10.57 -18.69 2.27
N GLY A 303 -11.01 -17.69 1.54
CA GLY A 303 -12.41 -17.52 1.19
C GLY A 303 -12.96 -18.59 0.29
N VAL A 304 -12.26 -18.91 -0.81
CA VAL A 304 -12.81 -19.89 -1.78
C VAL A 304 -12.78 -21.33 -1.18
N LYS A 305 -11.74 -21.65 -0.41
CA LYS A 305 -11.63 -22.92 0.33
C LYS A 305 -12.79 -23.10 1.33
N ALA A 306 -13.20 -22.02 2.05
CA ALA A 306 -14.27 -22.12 3.08
C ALA A 306 -15.65 -22.45 2.53
N VAL A 307 -15.86 -22.12 1.25
CA VAL A 307 -17.12 -22.29 0.57
C VAL A 307 -16.98 -23.35 -0.57
N GLY A 308 -15.95 -24.19 -0.50
CA GLY A 308 -15.71 -25.27 -1.47
C GLY A 308 -15.74 -24.91 -2.93
N GLY A 309 -15.24 -23.71 -3.28
CA GLY A 309 -15.22 -23.25 -4.68
C GLY A 309 -16.48 -22.55 -5.16
N ASP A 310 -17.54 -22.54 -4.34
CA ASP A 310 -18.84 -21.98 -4.70
C ASP A 310 -18.88 -20.48 -4.35
N VAL A 311 -18.32 -19.65 -5.23
CA VAL A 311 -18.22 -18.20 -5.02
C VAL A 311 -19.60 -17.53 -4.81
N ALA A 312 -20.71 -18.12 -5.33
CA ALA A 312 -22.08 -17.61 -5.18
C ALA A 312 -22.55 -17.52 -3.72
N LYS A 313 -21.95 -18.29 -2.79
CA LYS A 313 -22.28 -18.19 -1.36
C LYS A 313 -21.51 -16.98 -0.77
N ARG A 314 -21.89 -15.76 -1.17
CA ARG A 314 -21.17 -14.54 -0.75
C ARG A 314 -21.15 -14.31 0.74
N LYS A 315 -22.27 -14.47 1.44
CA LYS A 315 -22.26 -14.23 2.89
C LYS A 315 -21.18 -15.10 3.62
N GLU A 316 -21.08 -16.38 3.25
CA GLU A 316 -20.12 -17.31 3.85
C GLU A 316 -18.72 -16.99 3.39
N LEU A 317 -18.55 -16.59 2.12
CA LEU A 317 -17.23 -16.23 1.55
C LEU A 317 -16.64 -15.02 2.32
N ASN A 318 -17.42 -13.96 2.47
CA ASN A 318 -17.06 -12.74 3.22
C ASN A 318 -16.70 -13.02 4.68
N ALA A 319 -17.51 -13.86 5.36
CA ALA A 319 -17.31 -14.22 6.76
C ALA A 319 -15.97 -14.93 6.95
N ALA A 320 -15.61 -15.83 6.03
CA ALA A 320 -14.35 -16.58 6.09
C ALA A 320 -13.17 -15.69 5.87
N MSE A 321 -13.28 -14.75 4.94
CA MSE A 321 -12.19 -13.81 4.68
C MSE A 321 -12.06 -12.86 5.89
O MSE A 321 -10.95 -12.67 6.35
CB MSE A 321 -12.43 -13.06 3.34
CG MSE A 321 -12.18 -13.95 2.13
SE MSE A 321 -11.87 -12.99 0.51
CE MSE A 321 -13.55 -12.24 0.31
N ALA A 322 -13.17 -12.40 6.51
CA ALA A 322 -13.09 -11.55 7.71
C ALA A 322 -12.34 -12.22 8.90
N ALA A 323 -12.54 -13.54 9.08
CA ALA A 323 -11.93 -14.33 10.16
C ALA A 323 -10.61 -15.02 9.69
N ALA A 324 -10.14 -14.78 8.47
CA ALA A 324 -8.94 -15.39 7.92
C ALA A 324 -7.68 -15.17 8.80
N SER A 325 -6.86 -16.19 8.95
CA SER A 325 -5.64 -16.16 9.74
C SER A 325 -4.59 -16.96 9.01
N PHE A 326 -3.55 -16.37 8.53
CA PHE A 326 -2.49 -17.11 7.83
C PHE A 326 -1.16 -16.41 8.02
N ALA A 327 -0.08 -17.04 7.55
CA ALA A 327 1.23 -16.46 7.64
C ALA A 327 1.50 -15.57 6.45
N SER A 328 1.76 -14.30 6.69
CA SER A 328 2.17 -13.36 5.62
C SER A 328 3.69 -13.26 5.59
N PRO A 329 4.34 -12.81 4.50
CA PRO A 329 5.73 -12.39 4.59
C PRO A 329 5.95 -11.35 5.70
N ARG A 330 4.90 -10.58 6.12
CA ARG A 330 5.04 -9.59 7.18
C ARG A 330 5.04 -10.19 8.59
N GLY A 331 4.45 -11.38 8.74
CA GLY A 331 4.16 -11.95 10.04
C GLY A 331 2.79 -12.54 10.05
N PRO A 332 2.20 -12.73 11.23
CA PRO A 332 0.82 -13.25 11.28
C PRO A 332 -0.12 -12.27 10.65
N PHE A 333 -0.95 -12.70 9.68
CA PHE A 333 -1.94 -11.81 9.03
C PHE A 333 -3.27 -11.89 9.76
N LYS A 334 -3.85 -10.73 10.11
CA LYS A 334 -5.15 -10.77 10.75
C LYS A 334 -5.85 -9.42 10.47
N LEU A 335 -7.14 -9.46 10.23
CA LEU A 335 -7.91 -8.24 9.95
C LEU A 335 -8.63 -7.74 11.19
N SER A 336 -8.83 -6.43 11.30
CA SER A 336 -9.71 -5.89 12.35
C SER A 336 -11.16 -6.13 11.97
N ALA A 337 -12.09 -5.70 12.82
CA ALA A 337 -13.51 -5.84 12.56
C ALA A 337 -13.96 -5.00 11.36
N ALA A 338 -13.20 -3.95 11.00
CA ALA A 338 -13.47 -3.09 9.87
C ALA A 338 -12.73 -3.51 8.60
N HIS A 339 -12.08 -4.68 8.62
CA HIS A 339 -11.39 -5.38 7.53
C HIS A 339 -10.06 -4.73 7.09
N ASN A 340 -9.31 -4.15 8.02
CA ASN A 340 -7.98 -3.59 7.77
C ASN A 340 -6.95 -4.45 8.46
N PRO A 341 -5.72 -4.58 7.95
CA PRO A 341 -4.75 -5.44 8.63
C PRO A 341 -4.31 -4.86 9.99
N VAL A 342 -4.10 -5.76 10.91
CA VAL A 342 -3.56 -5.44 12.24
C VAL A 342 -2.13 -5.94 12.24
N GLN A 343 -1.16 -5.02 12.21
CA GLN A 343 0.25 -5.40 11.99
C GLN A 343 1.22 -4.41 12.52
N ASN A 344 2.45 -4.84 12.73
CA ASN A 344 3.51 -3.99 13.19
C ASN A 344 3.98 -3.00 12.09
N PHE A 345 4.61 -1.92 12.53
CA PHE A 345 5.24 -0.89 11.69
C PHE A 345 6.65 -0.80 12.20
N TYR A 346 7.62 -0.89 11.27
CA TYR A 346 9.05 -0.91 11.53
C TYR A 346 9.72 0.40 11.09
N LEU A 347 10.74 0.77 11.80
CA LEU A 347 11.63 1.87 11.40
C LEU A 347 12.65 1.29 10.46
N ARG A 348 12.95 1.96 9.33
CA ARG A 348 13.93 1.44 8.39
C ARG A 348 14.85 2.53 7.92
N GLU A 349 16.00 2.13 7.38
CA GLU A 349 16.93 3.03 6.73
C GLU A 349 17.40 2.42 5.40
N LEU A 350 17.44 3.25 4.35
CA LEU A 350 17.91 2.79 3.03
C LEU A 350 19.44 2.85 3.02
N LYS A 351 20.10 1.69 2.88
CA LYS A 351 21.57 1.63 2.86
C LYS A 351 22.04 0.60 1.90
N GLY A 352 22.84 0.99 0.92
CA GLY A 352 23.39 0.02 -0.01
C GLY A 352 22.37 -0.72 -0.84
N GLY A 353 21.30 -0.05 -1.29
CA GLY A 353 20.32 -0.68 -2.17
C GLY A 353 19.21 -1.45 -1.50
N LYS A 354 19.10 -1.43 -0.15
CA LYS A 354 17.93 -2.02 0.51
C LYS A 354 17.62 -1.29 1.77
N SER A 355 16.33 -1.28 2.17
CA SER A 355 15.91 -0.69 3.40
C SER A 355 16.12 -1.73 4.49
N VAL A 356 16.89 -1.42 5.52
CA VAL A 356 17.17 -2.37 6.59
C VAL A 356 16.28 -2.06 7.81
N ASN A 357 16.00 -3.09 8.59
CA ASN A 357 15.19 -2.95 9.78
C ASN A 357 15.98 -2.35 10.96
N LEU A 358 15.52 -1.15 11.46
CA LEU A 358 16.11 -0.55 12.66
C LEU A 358 15.28 -0.86 13.88
N GLY A 359 14.19 -1.61 13.71
CA GLY A 359 13.42 -2.08 14.83
C GLY A 359 12.00 -1.64 14.82
N LEU A 360 11.26 -2.14 15.80
CA LEU A 360 9.83 -1.89 15.92
C LEU A 360 9.57 -0.43 16.18
N ALA A 361 8.65 0.25 15.41
CA ALA A 361 8.23 1.63 15.57
C ALA A 361 6.90 1.67 16.28
N ALA A 362 5.89 0.86 15.80
CA ALA A 362 4.58 0.80 16.41
C ALA A 362 4.11 -0.66 16.46
N PRO A 363 3.76 -1.17 17.66
CA PRO A 363 3.28 -2.56 17.78
C PRO A 363 1.94 -2.66 17.10
N ALA A 364 1.52 -3.87 16.77
CA ALA A 364 0.30 -4.06 15.99
C ALA A 364 -0.97 -3.69 16.75
N VAL A 365 -1.74 -2.72 16.23
CA VAL A 365 -3.05 -2.32 16.74
C VAL A 365 -4.00 -2.00 15.57
N ALA A 366 -5.27 -2.24 15.80
CA ALA A 366 -6.37 -1.97 14.87
C ALA A 366 -6.52 -0.46 14.72
N ASP A 367 -6.57 0.06 13.49
CA ASP A 367 -6.89 1.49 13.27
C ASP A 367 -8.25 1.73 13.86
N GLU A 368 -8.47 2.92 14.36
CA GLU A 368 -9.78 3.21 14.90
C GLU A 368 -10.78 3.33 13.73
N ALA A 369 -11.83 2.51 13.73
CA ALA A 369 -12.81 2.48 12.64
C ALA A 369 -13.96 3.48 12.85
N ILE A 370 -13.63 4.77 12.87
CA ILE A 370 -14.58 5.87 13.07
C ILE A 370 -15.64 5.89 11.95
N GLY A 371 -16.89 5.62 12.31
CA GLY A 371 -18.02 5.60 11.38
C GLY A 371 -18.33 4.24 10.80
N CYS A 372 -17.52 3.23 11.12
CA CYS A 372 -17.77 1.89 10.59
C CYS A 372 -18.97 1.22 11.29
N LYS A 373 -20.05 0.94 10.53
CA LYS A 373 -21.21 0.21 11.00
C LYS A 373 -20.89 -1.28 10.82
N LEU A 374 -20.27 -1.92 11.83
CA LEU A 374 -19.84 -3.34 11.83
C LEU A 374 -19.46 -3.77 13.25
C BEZ B . -2.66 5.55 -2.38
O1 BEZ B . -3.47 5.08 -1.52
O2 BEZ B . -3.00 6.36 -3.28
C1 BEZ B . -1.25 5.05 -2.44
C2 BEZ B . -0.54 5.08 -3.65
C3 BEZ B . 0.76 4.61 -3.71
C4 BEZ B . 1.34 4.17 -2.52
C5 BEZ B . 0.62 4.14 -1.31
C6 BEZ B . -0.68 4.55 -1.26
#